data_3CZR
#
_entry.id   3CZR
#
_cell.length_a   110.216
_cell.length_b   110.216
_cell.length_c   132.991
_cell.angle_alpha   90.00
_cell.angle_beta   90.00
_cell.angle_gamma   120.00
#
_symmetry.space_group_name_H-M   'P 31 2 1'
#
loop_
_entity.id
_entity.type
_entity.pdbx_description
1 polymer 'Corticosteroid 11-beta-dehydrogenase isozyme 1'
2 non-polymer 'NADP NICOTINAMIDE-ADENINE-DINUCLEOTIDE PHOSPHATE'
3 non-polymer (2R)-1-[(4-tert-butylphenyl)sulfonyl]-2-methyl-4-(4-nitrophenyl)piperazine
4 non-polymer 3-[(3-CHOLAMIDOPROPYL)DIMETHYLAMMONIO]-1-PROPANESULFONATE
5 water water
#
_entity_poly.entity_id   1
_entity_poly.type   'polypeptide(L)'
_entity_poly.pdbx_seq_one_letter_code
;MKHQHQHQHQHQHQQPLNEEFRPEMLQGKKVIVTGASKGIGREMAYHLAKMGAHVVVTARSKETLQKVVSHCLELGAASA
HYIAGTMEDMTFAEQFVAQAGKLMGGLDMLILNHITNTSLNLFHDDIHHVRKSMEVNFLSYVVLTVAALPMLKQSNGSIV
VVSSLAGKVAYPMVAAYSASKFALDGFFSSIRKEYSVSRVNVSITLCVLGLIDTETAMKAVSGIVHMQAAPKEECALEII
KGGALRQEEVYYDSSLWTTLLIRNPSRKILEFLYSTSYNMDRFINK
;
_entity_poly.pdbx_strand_id   A,B
#
loop_
_chem_comp.id
_chem_comp.type
_chem_comp.name
_chem_comp.formula
3CZ non-polymer (2R)-1-[(4-tert-butylphenyl)sulfonyl]-2-methyl-4-(4-nitrophenyl)piperazine 'C21 H27 N3 O4 S'
CPS non-polymer 3-[(3-CHOLAMIDOPROPYL)DIMETHYLAMMONIO]-1-PROPANESULFONATE 'C32 H58 N2 O7 S'
NAP non-polymer 'NADP NICOTINAMIDE-ADENINE-DINUCLEOTIDE PHOSPHATE' 'C21 H28 N7 O17 P3'
#
# COMPACT_ATOMS: atom_id res chain seq x y z
N GLN A 14 -15.87 -4.37 14.78
CA GLN A 14 -16.60 -5.19 13.75
C GLN A 14 -16.92 -6.59 14.30
N GLN A 15 -18.19 -6.78 14.61
CA GLN A 15 -18.64 -8.04 15.18
C GLN A 15 -19.01 -8.99 14.05
N PRO A 16 -18.28 -10.11 13.95
CA PRO A 16 -18.65 -11.19 13.04
C PRO A 16 -19.78 -12.00 13.66
N LEU A 17 -20.50 -12.77 12.85
CA LEU A 17 -21.47 -13.73 13.39
C LEU A 17 -20.71 -14.94 13.94
N ASN A 18 -21.03 -15.35 15.16
CA ASN A 18 -20.42 -16.53 15.77
C ASN A 18 -21.14 -17.83 15.35
N GLU A 19 -21.67 -17.82 14.12
CA GLU A 19 -22.40 -18.97 13.57
C GLU A 19 -21.55 -19.79 12.61
N GLU A 20 -22.13 -20.88 12.12
CA GLU A 20 -21.59 -21.63 11.01
C GLU A 20 -22.20 -21.00 9.77
N PHE A 21 -21.46 -20.93 8.67
CA PHE A 21 -22.03 -20.39 7.44
C PHE A 21 -23.18 -21.27 6.96
N ARG A 22 -24.19 -20.66 6.34
CA ARG A 22 -25.30 -21.40 5.78
C ARG A 22 -25.59 -20.80 4.43
N PRO A 23 -25.54 -21.62 3.37
CA PRO A 23 -25.66 -21.10 2.00
C PRO A 23 -26.89 -20.23 1.80
N GLU A 24 -27.92 -20.42 2.63
CA GLU A 24 -29.16 -19.66 2.50
C GLU A 24 -29.02 -18.18 2.88
N MET A 25 -28.00 -17.89 3.70
CA MET A 25 -27.64 -16.50 4.05
C MET A 25 -27.56 -15.54 2.86
N LEU A 26 -27.33 -16.06 1.65
CA LEU A 26 -27.19 -15.21 0.48
C LEU A 26 -28.41 -15.16 -0.41
N GLN A 27 -29.42 -15.95 -0.08
CA GLN A 27 -30.66 -15.98 -0.85
C GLN A 27 -31.41 -14.66 -0.75
N GLY A 28 -31.73 -14.08 -1.90
CA GLY A 28 -32.43 -12.80 -1.91
C GLY A 28 -31.52 -11.62 -1.70
N LYS A 29 -30.24 -11.88 -1.42
CA LYS A 29 -29.29 -10.81 -1.21
C LYS A 29 -28.86 -10.18 -2.54
N LYS A 30 -28.58 -8.89 -2.50
CA LYS A 30 -28.20 -8.16 -3.68
C LYS A 30 -26.69 -7.93 -3.59
N VAL A 31 -25.98 -8.36 -4.62
CA VAL A 31 -24.53 -8.43 -4.57
C VAL A 31 -23.94 -7.94 -5.87
N ILE A 32 -22.95 -7.04 -5.77
CA ILE A 32 -22.11 -6.67 -6.90
C ILE A 32 -20.84 -7.54 -6.84
N VAL A 33 -20.31 -7.95 -7.98
CA VAL A 33 -19.03 -8.63 -8.08
C VAL A 33 -18.32 -8.00 -9.26
N THR A 34 -17.10 -7.50 -9.05
CA THR A 34 -16.36 -6.91 -10.15
C THR A 34 -15.33 -7.89 -10.70
N GLY A 35 -14.77 -7.57 -11.87
CA GLY A 35 -13.94 -8.53 -12.59
C GLY A 35 -14.55 -9.91 -12.55
N ALA A 36 -15.81 -10.03 -12.96
CA ALA A 36 -16.52 -11.30 -12.82
C ALA A 36 -16.82 -12.00 -14.15
N SER A 37 -16.05 -11.70 -15.20
CA SER A 37 -16.29 -12.34 -16.49
C SER A 37 -15.44 -13.61 -16.57
N LYS A 38 -14.57 -13.78 -15.58
CA LYS A 38 -13.68 -14.93 -15.51
C LYS A 38 -13.04 -14.98 -14.13
N GLY A 39 -12.06 -15.89 -13.97
CA GLY A 39 -11.27 -16.06 -12.74
C GLY A 39 -12.11 -16.34 -11.52
N ILE A 40 -11.62 -15.92 -10.36
CA ILE A 40 -12.35 -16.06 -9.08
C ILE A 40 -13.69 -15.29 -9.08
N GLY A 41 -13.71 -14.14 -9.74
CA GLY A 41 -14.92 -13.33 -9.84
C GLY A 41 -16.09 -14.10 -10.46
N ARG A 42 -15.85 -14.72 -11.63
CA ARG A 42 -16.87 -15.54 -12.31
C ARG A 42 -17.35 -16.63 -11.39
N GLU A 43 -16.41 -17.29 -10.72
CA GLU A 43 -16.76 -18.35 -9.80
C GLU A 43 -17.60 -17.87 -8.61
N MET A 44 -17.35 -16.65 -8.14
CA MET A 44 -18.20 -16.05 -7.08
C MET A 44 -19.64 -15.80 -7.55
N ALA A 45 -19.77 -15.19 -8.72
CA ALA A 45 -21.08 -15.05 -9.35
C ALA A 45 -21.82 -16.40 -9.35
N TYR A 46 -21.17 -17.43 -9.88
CA TYR A 46 -21.78 -18.76 -9.90
C TYR A 46 -22.19 -19.31 -8.52
N HIS A 47 -21.37 -19.13 -7.48
CA HIS A 47 -21.80 -19.59 -6.13
C HIS A 47 -23.01 -18.79 -5.64
N LEU A 48 -23.01 -17.50 -5.92
CA LEU A 48 -24.10 -16.62 -5.48
C LEU A 48 -25.36 -16.97 -6.23
N ALA A 49 -25.22 -17.20 -7.54
CA ALA A 49 -26.30 -17.72 -8.38
C ALA A 49 -26.94 -18.97 -7.75
N LYS A 50 -26.10 -19.99 -7.54
CA LYS A 50 -26.52 -21.25 -6.91
C LYS A 50 -27.14 -21.07 -5.55
N MET A 51 -27.09 -19.86 -5.01
CA MET A 51 -27.64 -19.59 -3.67
C MET A 51 -28.90 -18.74 -3.79
N GLY A 52 -29.22 -18.34 -5.02
CA GLY A 52 -30.44 -17.64 -5.29
C GLY A 52 -30.31 -16.23 -4.77
N ALA A 53 -29.29 -15.55 -5.26
CA ALA A 53 -29.00 -14.20 -4.83
C ALA A 53 -29.27 -13.31 -6.03
N HIS A 54 -29.46 -12.01 -5.81
CA HIS A 54 -29.49 -11.07 -6.94
C HIS A 54 -28.05 -10.65 -7.20
N VAL A 55 -27.67 -10.58 -8.46
CA VAL A 55 -26.27 -10.43 -8.82
C VAL A 55 -26.11 -9.53 -10.02
N VAL A 56 -25.26 -8.53 -9.87
CA VAL A 56 -24.86 -7.69 -10.98
C VAL A 56 -23.36 -7.82 -11.12
N VAL A 57 -22.91 -8.16 -12.32
CA VAL A 57 -21.49 -8.39 -12.57
C VAL A 57 -20.96 -7.33 -13.53
N THR A 58 -19.66 -7.10 -13.51
CA THR A 58 -19.02 -6.13 -14.39
C THR A 58 -17.66 -6.63 -14.82
N ALA A 59 -17.19 -6.04 -15.92
CA ALA A 59 -15.86 -6.26 -16.47
C ALA A 59 -15.89 -5.49 -17.77
N ARG A 60 -14.77 -5.38 -18.46
CA ARG A 60 -14.77 -4.59 -19.68
C ARG A 60 -15.56 -5.23 -20.82
N SER A 61 -15.52 -6.56 -20.96
CA SER A 61 -16.09 -7.19 -22.16
C SER A 61 -17.47 -7.86 -22.01
N LYS A 62 -18.39 -7.41 -22.84
CA LYS A 62 -19.82 -7.74 -22.73
C LYS A 62 -20.16 -9.19 -23.09
N GLU A 63 -19.48 -9.69 -24.12
CA GLU A 63 -19.70 -11.04 -24.60
C GLU A 63 -19.44 -12.07 -23.50
N THR A 64 -18.23 -12.06 -22.93
CA THR A 64 -17.89 -12.95 -21.82
C THR A 64 -18.80 -12.73 -20.62
N LEU A 65 -19.19 -11.47 -20.37
CA LEU A 65 -20.10 -11.14 -19.26
C LEU A 65 -21.46 -11.79 -19.40
N GLN A 66 -21.98 -11.76 -20.63
CA GLN A 66 -23.27 -12.34 -20.97
C GLN A 66 -23.37 -13.83 -20.62
N LYS A 67 -22.34 -14.57 -21.00
CA LYS A 67 -22.24 -16.01 -20.70
C LYS A 67 -22.39 -16.25 -19.19
N VAL A 68 -21.67 -15.46 -18.39
CA VAL A 68 -21.77 -15.56 -16.94
C VAL A 68 -23.21 -15.30 -16.51
N VAL A 69 -23.75 -14.18 -16.96
CA VAL A 69 -25.12 -13.80 -16.62
C VAL A 69 -26.07 -14.97 -16.94
N SER A 70 -26.01 -15.47 -18.18
CA SER A 70 -26.82 -16.61 -18.62
C SER A 70 -26.69 -17.82 -17.69
N HIS A 71 -25.46 -18.26 -17.44
CA HIS A 71 -25.31 -19.44 -16.62
C HIS A 71 -25.71 -19.19 -15.17
N CYS A 72 -25.62 -17.94 -14.73
CA CYS A 72 -26.13 -17.59 -13.40
C CYS A 72 -27.62 -17.88 -13.28
N LEU A 73 -28.39 -17.42 -14.26
CA LEU A 73 -29.83 -17.66 -14.23
C LEU A 73 -30.08 -19.16 -14.33
N GLU A 74 -29.44 -19.79 -15.30
CA GLU A 74 -29.47 -21.27 -15.40
C GLU A 74 -29.14 -21.97 -14.07
N LEU A 75 -28.26 -21.35 -13.27
CA LEU A 75 -27.83 -21.91 -11.98
C LEU A 75 -28.79 -21.64 -10.83
N GLY A 76 -29.71 -20.72 -11.02
CA GLY A 76 -30.76 -20.48 -10.03
C GLY A 76 -30.72 -19.12 -9.35
N ALA A 77 -30.09 -18.16 -10.02
CA ALA A 77 -29.95 -16.80 -9.49
C ALA A 77 -31.33 -16.15 -9.36
N ALA A 78 -31.54 -15.41 -8.27
CA ALA A 78 -32.78 -14.68 -8.06
C ALA A 78 -32.93 -13.59 -9.12
N SER A 79 -31.82 -12.93 -9.47
CA SER A 79 -31.76 -12.17 -10.72
C SER A 79 -30.31 -12.07 -11.11
N ALA A 80 -30.01 -11.64 -12.34
CA ALA A 80 -28.64 -11.54 -12.78
C ALA A 80 -28.47 -10.64 -14.00
N HIS A 81 -27.56 -9.66 -13.93
CA HIS A 81 -27.33 -8.72 -15.04
C HIS A 81 -25.85 -8.42 -15.16
N TYR A 82 -25.51 -7.64 -16.18
CA TYR A 82 -24.16 -7.14 -16.32
C TYR A 82 -24.16 -5.70 -16.82
N ILE A 83 -23.10 -4.98 -16.50
CA ILE A 83 -22.80 -3.70 -17.10
C ILE A 83 -21.32 -3.77 -17.36
N ALA A 84 -20.93 -3.46 -18.59
CA ALA A 84 -19.55 -3.52 -18.98
C ALA A 84 -18.92 -2.15 -18.86
N GLY A 85 -17.62 -2.13 -18.64
CA GLY A 85 -16.86 -0.87 -18.57
C GLY A 85 -15.48 -1.07 -17.96
N THR A 86 -14.59 -0.11 -18.18
CA THR A 86 -13.26 -0.13 -17.58
C THR A 86 -13.18 0.64 -16.25
N MET A 87 -12.61 -0.01 -15.24
CA MET A 87 -12.39 0.61 -13.95
C MET A 87 -11.21 1.55 -13.98
N GLU A 88 -10.64 1.81 -15.16
CA GLU A 88 -9.78 2.97 -15.28
C GLU A 88 -10.66 4.21 -15.22
N ASP A 89 -11.95 4.03 -15.50
CA ASP A 89 -12.86 5.18 -15.51
C ASP A 89 -13.60 5.36 -14.20
N MET A 90 -13.06 6.26 -13.37
CA MET A 90 -13.63 6.62 -12.09
C MET A 90 -15.11 6.99 -12.22
N THR A 91 -15.44 7.67 -13.33
CA THR A 91 -16.83 8.05 -13.64
C THR A 91 -17.69 6.83 -13.92
N PHE A 92 -17.16 5.88 -14.70
CA PHE A 92 -17.85 4.61 -14.90
C PHE A 92 -18.07 3.90 -13.55
N ALA A 93 -17.01 3.83 -12.74
CA ALA A 93 -17.06 3.18 -11.43
C ALA A 93 -18.21 3.71 -10.60
N GLU A 94 -18.21 5.02 -10.37
CA GLU A 94 -19.27 5.66 -9.58
C GLU A 94 -20.66 5.40 -10.16
N GLN A 95 -20.78 5.61 -11.47
CA GLN A 95 -22.04 5.33 -12.15
C GLN A 95 -22.52 3.89 -12.09
N PHE A 96 -21.57 2.95 -12.28
CA PHE A 96 -21.86 1.53 -12.22
C PHE A 96 -22.62 1.12 -10.96
N VAL A 97 -22.20 1.65 -9.83
CA VAL A 97 -22.84 1.30 -8.56
C VAL A 97 -24.27 1.82 -8.53
N ALA A 98 -24.50 2.99 -9.12
CA ALA A 98 -25.85 3.58 -9.22
C ALA A 98 -26.79 2.72 -10.08
N GLN A 99 -26.42 2.55 -11.35
CA GLN A 99 -27.14 1.65 -12.25
C GLN A 99 -27.45 0.28 -11.60
N ALA A 100 -26.42 -0.30 -10.96
CA ALA A 100 -26.53 -1.59 -10.29
C ALA A 100 -27.47 -1.55 -9.09
N GLY A 101 -27.48 -0.43 -8.38
CA GLY A 101 -28.43 -0.23 -7.29
C GLY A 101 -29.89 -0.22 -7.73
N LYS A 102 -30.19 0.48 -8.82
CA LYS A 102 -31.55 0.49 -9.33
C LYS A 102 -31.93 -0.94 -9.71
N LEU A 103 -31.10 -1.55 -10.55
CA LEU A 103 -31.32 -2.91 -11.03
C LEU A 103 -31.82 -3.89 -9.95
N MET A 104 -31.24 -3.81 -8.75
CA MET A 104 -31.59 -4.78 -7.71
C MET A 104 -32.49 -4.18 -6.66
N GLY A 105 -32.61 -2.86 -6.67
CA GLY A 105 -33.36 -2.15 -5.64
C GLY A 105 -32.68 -2.23 -4.30
N GLY A 106 -31.41 -1.86 -4.25
CA GLY A 106 -30.64 -1.95 -3.01
C GLY A 106 -29.27 -2.62 -3.14
N LEU A 107 -28.57 -2.74 -2.02
CA LEU A 107 -27.26 -3.38 -2.03
C LEU A 107 -26.93 -3.99 -0.68
N ASP A 108 -26.69 -5.29 -0.68
CA ASP A 108 -26.23 -5.93 0.53
C ASP A 108 -24.70 -6.10 0.57
N MET A 109 -24.09 -6.40 -0.57
CA MET A 109 -22.69 -6.82 -0.56
C MET A 109 -21.94 -6.26 -1.76
N LEU A 110 -20.79 -5.64 -1.49
CA LEU A 110 -19.93 -5.15 -2.56
C LEU A 110 -18.65 -6.01 -2.61
N ILE A 111 -18.49 -6.77 -3.68
CA ILE A 111 -17.32 -7.64 -3.79
C ILE A 111 -16.34 -7.04 -4.74
N LEU A 112 -15.18 -6.62 -4.24
CA LEU A 112 -14.23 -5.88 -5.07
C LEU A 112 -13.05 -6.78 -5.46
N ASN A 113 -12.98 -7.10 -6.74
CA ASN A 113 -12.23 -8.26 -7.19
C ASN A 113 -11.28 -8.01 -8.35
N HIS A 114 -11.57 -7.01 -9.17
CA HIS A 114 -10.89 -6.85 -10.44
C HIS A 114 -9.50 -6.25 -10.28
N ILE A 115 -8.64 -6.48 -11.27
CA ILE A 115 -7.29 -5.92 -11.30
C ILE A 115 -6.97 -5.54 -12.75
N THR A 116 -5.95 -4.72 -12.98
CA THR A 116 -5.50 -4.48 -14.31
C THR A 116 -4.65 -5.67 -14.76
N ASN A 117 -4.58 -5.91 -16.07
CA ASN A 117 -3.80 -7.00 -16.65
C ASN A 117 -2.36 -6.86 -16.24
N THR A 118 -1.81 -7.91 -15.62
CA THR A 118 -0.43 -7.85 -15.21
C THR A 118 0.24 -9.22 -15.25
N SER A 119 1.53 -9.20 -15.50
CA SER A 119 2.23 -10.44 -15.71
C SER A 119 3.52 -10.27 -14.95
N LEU A 120 4.22 -11.38 -14.67
CA LEU A 120 5.46 -11.34 -13.90
C LEU A 120 6.55 -10.65 -14.68
N ASN A 121 7.20 -9.65 -14.11
CA ASN A 121 8.31 -8.98 -14.78
C ASN A 121 9.12 -8.22 -13.78
N LEU A 122 10.39 -8.03 -14.05
CA LEU A 122 11.19 -7.12 -13.29
C LEU A 122 10.66 -5.70 -13.48
N PHE A 123 10.97 -4.82 -12.54
CA PHE A 123 10.57 -3.43 -12.68
C PHE A 123 11.74 -2.61 -13.18
N HIS A 124 11.56 -1.94 -14.31
CA HIS A 124 12.62 -1.04 -14.78
C HIS A 124 12.25 0.44 -14.85
N ASP A 125 11.26 0.74 -15.70
CA ASP A 125 10.84 2.12 -15.97
C ASP A 125 9.35 2.27 -16.03
N ASP A 126 8.61 1.29 -15.55
CA ASP A 126 7.22 1.25 -15.94
C ASP A 126 6.28 2.00 -14.98
N ILE A 127 6.53 3.29 -14.80
CA ILE A 127 5.65 4.12 -13.96
C ILE A 127 4.23 4.04 -14.48
N HIS A 128 4.07 3.89 -15.78
CA HIS A 128 2.74 3.88 -16.32
CA HIS A 128 2.75 3.83 -16.38
C HIS A 128 1.99 2.64 -15.82
N HIS A 129 2.73 1.56 -15.60
CA HIS A 129 2.12 0.36 -15.07
C HIS A 129 1.81 0.48 -13.56
N VAL A 130 2.72 1.14 -12.85
CA VAL A 130 2.54 1.42 -11.44
C VAL A 130 1.30 2.28 -11.17
N ARG A 131 1.11 3.31 -12.00
CA ARG A 131 0.01 4.25 -11.80
C ARG A 131 -1.30 3.61 -12.21
N LYS A 132 -1.27 2.89 -13.33
CA LYS A 132 -2.48 2.21 -13.74
C LYS A 132 -2.85 1.16 -12.69
N SER A 133 -1.86 0.63 -12.00
CA SER A 133 -2.17 -0.36 -10.98
C SER A 133 -2.86 0.27 -9.77
N MET A 134 -2.22 1.31 -9.25
CA MET A 134 -2.84 2.11 -8.23
C MET A 134 -4.25 2.56 -8.65
N GLU A 135 -4.39 3.07 -9.87
CA GLU A 135 -5.69 3.59 -10.30
C GLU A 135 -6.69 2.48 -10.33
N VAL A 136 -6.37 1.40 -11.03
CA VAL A 136 -7.34 0.33 -11.20
C VAL A 136 -7.44 -0.56 -9.96
N ASN A 137 -6.31 -0.95 -9.39
CA ASN A 137 -6.29 -1.97 -8.33
C ASN A 137 -6.74 -1.40 -6.97
N PHE A 138 -6.45 -0.12 -6.77
CA PHE A 138 -6.70 0.55 -5.49
C PHE A 138 -7.76 1.68 -5.60
N LEU A 139 -7.43 2.79 -6.26
CA LEU A 139 -8.33 3.96 -6.32
C LEU A 139 -9.75 3.61 -6.71
N SER A 140 -9.91 2.76 -7.72
CA SER A 140 -11.24 2.42 -8.21
C SER A 140 -12.06 1.70 -7.14
N TYR A 141 -11.37 1.02 -6.23
CA TYR A 141 -12.02 0.31 -5.13
C TYR A 141 -12.59 1.34 -4.14
N VAL A 142 -11.85 2.42 -3.94
CA VAL A 142 -12.27 3.52 -3.06
C VAL A 142 -13.50 4.23 -3.64
N VAL A 143 -13.41 4.62 -4.91
CA VAL A 143 -14.54 5.23 -5.59
C VAL A 143 -15.76 4.35 -5.55
N LEU A 144 -15.59 3.03 -5.65
CA LEU A 144 -16.77 2.15 -5.67
C LEU A 144 -17.37 2.03 -4.29
N THR A 145 -16.53 2.13 -3.27
CA THR A 145 -16.97 2.03 -1.88
C THR A 145 -17.76 3.29 -1.51
N VAL A 146 -17.20 4.45 -1.78
CA VAL A 146 -17.87 5.72 -1.59
C VAL A 146 -19.24 5.72 -2.27
N ALA A 147 -19.29 5.29 -3.53
CA ALA A 147 -20.54 5.26 -4.27
C ALA A 147 -21.57 4.29 -3.68
N ALA A 148 -21.14 3.34 -2.86
CA ALA A 148 -22.01 2.23 -2.46
C ALA A 148 -22.42 2.29 -0.99
N LEU A 149 -21.71 3.11 -0.24
CA LEU A 149 -21.89 3.17 1.20
C LEU A 149 -23.32 3.48 1.63
N PRO A 150 -23.93 4.54 1.05
CA PRO A 150 -25.29 4.87 1.45
C PRO A 150 -26.20 3.66 1.36
N MET A 151 -26.22 2.98 0.22
CA MET A 151 -26.99 1.74 0.12
C MET A 151 -26.56 0.71 1.15
N LEU A 152 -25.26 0.62 1.39
CA LEU A 152 -24.75 -0.40 2.31
C LEU A 152 -25.07 -0.08 3.78
N LYS A 153 -25.05 1.20 4.13
CA LYS A 153 -25.53 1.61 5.46
C LYS A 153 -26.98 1.16 5.71
N GLN A 154 -27.84 1.29 4.69
CA GLN A 154 -29.22 0.80 4.75
C GLN A 154 -29.38 -0.70 5.00
N SER A 155 -28.65 -1.52 4.24
CA SER A 155 -28.76 -2.96 4.45
C SER A 155 -27.89 -3.45 5.61
N ASN A 156 -27.00 -2.60 6.10
CA ASN A 156 -25.99 -3.06 7.07
C ASN A 156 -25.06 -4.07 6.37
N GLY A 157 -24.71 -3.72 5.13
CA GLY A 157 -24.03 -4.62 4.24
C GLY A 157 -22.56 -4.86 4.53
N SER A 158 -21.79 -4.97 3.46
CA SER A 158 -20.50 -5.61 3.54
C SER A 158 -19.65 -5.30 2.33
N ILE A 159 -18.42 -4.92 2.60
CA ILE A 159 -17.44 -4.75 1.56
C ILE A 159 -16.47 -5.91 1.69
N VAL A 160 -16.22 -6.58 0.56
CA VAL A 160 -15.24 -7.65 0.47
C VAL A 160 -14.19 -7.16 -0.50
N VAL A 161 -12.94 -7.10 -0.02
CA VAL A 161 -11.83 -6.66 -0.82
C VAL A 161 -10.92 -7.90 -1.07
N VAL A 162 -10.70 -8.22 -2.35
CA VAL A 162 -9.89 -9.38 -2.70
C VAL A 162 -8.45 -8.93 -2.83
N SER A 163 -7.59 -9.56 -2.03
CA SER A 163 -6.15 -9.25 -2.01
C SER A 163 -5.28 -10.51 -2.22
N SER A 164 -4.02 -10.46 -1.79
CA SER A 164 -3.03 -11.38 -2.25
C SER A 164 -1.94 -11.55 -1.21
N LEU A 165 -1.19 -12.65 -1.30
CA LEU A 165 -0.02 -12.80 -0.48
C LEU A 165 0.93 -11.64 -0.70
N ALA A 166 1.03 -11.21 -1.95
CA ALA A 166 1.86 -10.08 -2.29
C ALA A 166 1.23 -8.80 -1.71
N GLY A 167 0.08 -8.93 -1.05
CA GLY A 167 -0.51 -7.80 -0.38
C GLY A 167 -0.24 -7.82 1.12
N LYS A 168 0.63 -8.74 1.56
CA LYS A 168 0.96 -8.90 2.97
C LYS A 168 2.45 -9.19 3.18
N VAL A 169 3.10 -9.68 2.15
CA VAL A 169 4.53 -9.83 2.16
C VAL A 169 5.09 -9.48 0.78
N ALA A 170 6.40 -9.31 0.71
CA ALA A 170 7.07 -8.94 -0.52
C ALA A 170 7.59 -10.14 -1.35
N TYR A 171 7.43 -10.04 -2.68
CA TYR A 171 7.89 -11.04 -3.65
C TYR A 171 8.53 -10.29 -4.79
N PRO A 172 9.46 -10.92 -5.55
CA PRO A 172 9.96 -10.22 -6.72
C PRO A 172 8.93 -10.36 -7.83
N MET A 173 9.05 -9.57 -8.89
CA MET A 173 8.26 -9.75 -10.13
C MET A 173 6.87 -9.14 -10.07
N VAL A 174 6.47 -8.68 -8.89
CA VAL A 174 5.12 -8.10 -8.74
C VAL A 174 5.08 -6.75 -7.99
N ALA A 175 6.04 -5.88 -8.25
CA ALA A 175 6.21 -4.64 -7.51
C ALA A 175 4.98 -3.70 -7.54
N ALA A 176 4.50 -3.40 -8.73
CA ALA A 176 3.41 -2.46 -8.86
C ALA A 176 2.16 -3.11 -8.33
N TYR A 177 1.98 -4.39 -8.64
CA TYR A 177 0.85 -5.16 -8.12
C TYR A 177 0.84 -5.17 -6.58
N SER A 178 2.00 -5.42 -5.99
CA SER A 178 2.09 -5.50 -4.54
C SER A 178 1.74 -4.14 -3.88
N ALA A 179 2.34 -3.08 -4.41
CA ALA A 179 2.07 -1.71 -3.98
C ALA A 179 0.57 -1.46 -3.89
N SER A 180 -0.15 -1.77 -4.96
CA SER A 180 -1.56 -1.54 -4.95
C SER A 180 -2.29 -2.40 -3.93
N LYS A 181 -1.81 -3.63 -3.71
CA LYS A 181 -2.46 -4.54 -2.77
C LYS A 181 -2.12 -4.18 -1.30
N PHE A 182 -0.89 -3.76 -1.05
CA PHE A 182 -0.57 -3.15 0.24
C PHE A 182 -1.46 -1.94 0.54
N ALA A 183 -1.66 -1.10 -0.48
CA ALA A 183 -2.49 0.10 -0.34
C ALA A 183 -3.88 -0.26 0.12
N LEU A 184 -4.47 -1.26 -0.51
CA LEU A 184 -5.81 -1.68 -0.12
C LEU A 184 -5.88 -2.00 1.35
N ASP A 185 -4.81 -2.58 1.89
CA ASP A 185 -4.85 -3.06 3.27
C ASP A 185 -4.79 -1.82 4.22
N GLY A 186 -3.86 -0.93 3.91
CA GLY A 186 -3.64 0.29 4.67
C GLY A 186 -4.90 1.16 4.67
N PHE A 187 -5.57 1.25 3.53
CA PHE A 187 -6.80 2.03 3.43
C PHE A 187 -8.00 1.40 4.12
N PHE A 188 -8.36 0.19 3.68
CA PHE A 188 -9.57 -0.41 4.18
C PHE A 188 -9.43 -0.84 5.63
N SER A 189 -8.21 -1.08 6.06
CA SER A 189 -7.99 -1.50 7.41
C SER A 189 -8.18 -0.28 8.36
N SER A 190 -7.77 0.88 7.86
CA SER A 190 -7.99 2.13 8.56
C SER A 190 -9.49 2.57 8.58
N ILE A 191 -10.18 2.50 7.45
CA ILE A 191 -11.59 2.84 7.51
C ILE A 191 -12.42 1.82 8.30
N ARG A 192 -11.97 0.58 8.42
CA ARG A 192 -12.73 -0.36 9.27
C ARG A 192 -12.77 0.14 10.70
N LYS A 193 -11.61 0.63 11.18
CA LYS A 193 -11.47 1.23 12.49
C LYS A 193 -12.29 2.53 12.63
N GLU A 194 -12.31 3.35 11.57
CA GLU A 194 -13.17 4.50 11.49
C GLU A 194 -14.66 4.12 11.61
N TYR A 195 -15.08 3.05 10.91
CA TYR A 195 -16.51 2.69 10.90
C TYR A 195 -16.90 2.21 12.26
N SER A 196 -15.92 1.78 13.01
CA SER A 196 -16.18 1.21 14.29
C SER A 196 -16.28 2.28 15.40
N VAL A 197 -15.65 3.45 15.20
CA VAL A 197 -15.88 4.55 16.13
C VAL A 197 -17.15 5.32 15.73
N SER A 198 -17.32 5.58 14.43
CA SER A 198 -18.53 6.22 13.91
C SER A 198 -19.75 5.32 14.05
N ARG A 199 -19.55 4.07 14.41
CA ARG A 199 -20.67 3.12 14.46
C ARG A 199 -21.44 3.01 13.11
N VAL A 200 -20.67 2.88 12.04
CA VAL A 200 -21.20 2.52 10.73
C VAL A 200 -21.27 1.00 10.75
N ASN A 201 -22.45 0.41 10.59
CA ASN A 201 -22.53 -1.06 10.64
CA ASN A 201 -22.56 -1.05 10.63
C ASN A 201 -22.46 -1.74 9.26
N VAL A 202 -21.34 -1.45 8.58
CA VAL A 202 -20.91 -2.05 7.35
C VAL A 202 -19.61 -2.82 7.68
N SER A 203 -19.61 -4.12 7.41
CA SER A 203 -18.39 -4.91 7.62
C SER A 203 -17.41 -4.76 6.45
N ILE A 204 -16.13 -4.90 6.73
CA ILE A 204 -15.08 -4.92 5.73
C ILE A 204 -14.23 -6.20 5.85
N THR A 205 -14.24 -7.03 4.81
CA THR A 205 -13.45 -8.26 4.79
C THR A 205 -12.30 -8.19 3.78
N LEU A 206 -11.07 -8.30 4.27
CA LEU A 206 -9.94 -8.37 3.39
C LEU A 206 -9.52 -9.84 3.16
N CYS A 207 -9.43 -10.26 1.89
CA CYS A 207 -9.07 -11.64 1.54
C CYS A 207 -7.64 -11.76 1.04
N VAL A 208 -6.84 -12.59 1.72
CA VAL A 208 -5.45 -12.77 1.33
C VAL A 208 -5.32 -14.13 0.63
N LEU A 209 -5.25 -14.13 -0.70
CA LEU A 209 -5.20 -15.37 -1.49
C LEU A 209 -3.81 -15.70 -1.96
N GLY A 210 -3.49 -16.99 -1.97
CA GLY A 210 -2.31 -17.43 -2.73
C GLY A 210 -2.62 -17.72 -4.19
N LEU A 211 -1.66 -18.31 -4.89
CA LEU A 211 -1.84 -18.72 -6.28
C LEU A 211 -3.11 -19.56 -6.44
N ILE A 212 -3.97 -19.11 -7.34
CA ILE A 212 -5.21 -19.79 -7.61
C ILE A 212 -5.26 -20.19 -9.10
N ASP A 213 -5.93 -21.30 -9.43
CA ASP A 213 -5.74 -21.83 -10.78
C ASP A 213 -6.57 -21.14 -11.88
N THR A 214 -6.77 -19.84 -11.77
CA THR A 214 -7.51 -19.16 -12.82
C THR A 214 -6.65 -19.23 -14.10
N GLU A 215 -7.30 -19.06 -15.24
CA GLU A 215 -6.66 -19.28 -16.52
C GLU A 215 -5.55 -18.29 -16.74
N THR A 216 -5.84 -17.04 -16.42
CA THR A 216 -4.85 -15.96 -16.51
C THR A 216 -3.62 -16.19 -15.64
N ALA A 217 -3.88 -16.61 -14.40
CA ALA A 217 -2.82 -16.83 -13.45
C ALA A 217 -2.00 -18.03 -13.86
N MET A 218 -2.69 -19.09 -14.29
CA MET A 218 -2.00 -20.26 -14.83
C MET A 218 -1.10 -19.89 -16.04
N LYS A 219 -1.58 -19.01 -16.91
CA LYS A 219 -0.76 -18.58 -18.05
C LYS A 219 0.45 -17.79 -17.60
N ALA A 220 0.25 -16.95 -16.60
CA ALA A 220 1.29 -16.01 -16.17
C ALA A 220 2.43 -16.74 -15.45
N VAL A 221 2.13 -17.90 -14.85
CA VAL A 221 3.20 -18.64 -14.20
C VAL A 221 3.59 -19.92 -14.94
N SER A 222 2.74 -20.32 -15.88
CA SER A 222 2.97 -21.59 -16.61
C SER A 222 4.47 -21.81 -16.82
N GLY A 223 5.17 -20.75 -17.18
CA GLY A 223 6.64 -20.85 -17.34
C GLY A 223 7.36 -21.21 -16.05
N VAL A 225 8.36 -22.26 -12.56
CA VAL A 225 8.72 -23.49 -11.82
C VAL A 225 7.48 -24.20 -11.27
N HIS A 226 7.67 -25.15 -10.35
CA HIS A 226 6.49 -25.72 -9.71
C HIS A 226 6.04 -24.79 -8.57
N MET A 227 4.83 -24.25 -8.76
CA MET A 227 4.09 -23.52 -7.76
C MET A 227 2.74 -24.20 -7.77
N GLN A 228 2.29 -24.70 -6.63
CA GLN A 228 1.01 -25.37 -6.57
C GLN A 228 -0.12 -24.35 -6.46
N ALA A 229 -1.06 -24.40 -7.40
CA ALA A 229 -2.20 -23.50 -7.39
C ALA A 229 -3.35 -24.12 -6.63
N ALA A 230 -4.22 -23.29 -6.09
CA ALA A 230 -5.36 -23.80 -5.35
C ALA A 230 -6.59 -23.72 -6.24
N PRO A 231 -7.60 -24.53 -5.93
CA PRO A 231 -8.79 -24.54 -6.80
C PRO A 231 -9.64 -23.27 -6.70
N LYS A 232 -9.81 -22.56 -7.80
CA LYS A 232 -10.66 -21.38 -7.85
C LYS A 232 -12.07 -21.50 -7.27
N GLU A 233 -12.70 -22.65 -7.42
CA GLU A 233 -14.09 -22.76 -6.94
CA GLU A 233 -14.07 -22.81 -6.96
C GLU A 233 -14.15 -22.74 -5.42
N GLU A 234 -13.23 -23.45 -4.76
CA GLU A 234 -13.26 -23.46 -3.30
C GLU A 234 -12.85 -22.08 -2.76
N CYS A 235 -11.84 -21.48 -3.39
CA CYS A 235 -11.40 -20.13 -3.11
C CYS A 235 -12.58 -19.13 -3.11
N ALA A 236 -13.21 -18.95 -4.28
CA ALA A 236 -14.41 -18.13 -4.40
C ALA A 236 -15.40 -18.32 -3.25
N LEU A 237 -15.63 -19.56 -2.82
CA LEU A 237 -16.60 -19.80 -1.75
C LEU A 237 -16.06 -19.37 -0.38
N GLU A 238 -14.76 -19.52 -0.18
CA GLU A 238 -14.17 -19.11 1.08
C GLU A 238 -14.29 -17.58 1.22
N ILE A 239 -14.17 -16.87 0.10
CA ILE A 239 -14.32 -15.41 0.04
C ILE A 239 -15.75 -14.99 0.35
N ILE A 240 -16.73 -15.71 -0.20
CA ILE A 240 -18.12 -15.36 0.06
C ILE A 240 -18.43 -15.68 1.51
N LYS A 241 -17.90 -16.79 2.00
CA LYS A 241 -18.18 -17.18 3.37
C LYS A 241 -17.66 -16.14 4.37
N GLY A 242 -16.49 -15.58 4.10
CA GLY A 242 -15.91 -14.59 4.97
C GLY A 242 -16.73 -13.32 5.01
N GLY A 243 -17.20 -12.87 3.85
CA GLY A 243 -18.07 -11.71 3.78
C GLY A 243 -19.36 -11.93 4.55
N ALA A 244 -20.06 -13.00 4.22
CA ALA A 244 -21.30 -13.37 4.88
C ALA A 244 -21.13 -13.34 6.38
N LEU A 245 -19.99 -13.82 6.88
CA LEU A 245 -19.80 -13.95 8.32
C LEU A 245 -19.14 -12.72 8.95
N ARG A 246 -18.89 -11.68 8.14
CA ARG A 246 -18.36 -10.41 8.60
C ARG A 246 -16.99 -10.50 9.27
N GLN A 247 -16.20 -11.47 8.84
CA GLN A 247 -14.82 -11.63 9.29
C GLN A 247 -13.94 -10.51 8.71
N GLU A 248 -12.87 -10.21 9.42
CA GLU A 248 -11.98 -9.14 8.96
C GLU A 248 -11.09 -9.61 7.83
N GLU A 249 -10.56 -10.81 7.98
CA GLU A 249 -9.63 -11.33 7.00
C GLU A 249 -9.99 -12.78 6.72
N VAL A 250 -9.83 -13.17 5.46
CA VAL A 250 -10.00 -14.52 4.99
C VAL A 250 -8.65 -14.85 4.43
N TYR A 251 -8.08 -16.00 4.83
CA TYR A 251 -6.81 -16.47 4.26
C TYR A 251 -7.04 -17.76 3.47
N TYR A 252 -6.46 -17.85 2.27
CA TYR A 252 -6.65 -19.03 1.43
C TYR A 252 -5.43 -19.27 0.56
N ASP A 253 -4.73 -20.37 0.82
CA ASP A 253 -3.58 -20.81 0.04
C ASP A 253 -3.60 -22.36 0.07
N SER A 254 -2.83 -22.99 -0.81
CA SER A 254 -2.76 -24.46 -0.77
C SER A 254 -1.83 -24.97 0.35
N SER A 255 -0.85 -24.15 0.75
CA SER A 255 0.07 -24.50 1.84
C SER A 255 -0.46 -24.09 3.21
N LEU A 256 -0.42 -25.02 4.17
CA LEU A 256 -0.83 -24.76 5.54
C LEU A 256 0.16 -23.86 6.25
N TRP A 257 1.41 -23.93 5.85
CA TRP A 257 2.43 -23.06 6.37
C TRP A 257 2.18 -21.60 5.94
N THR A 258 1.89 -21.41 4.65
CA THR A 258 1.63 -20.11 4.11
C THR A 258 0.39 -19.51 4.79
N THR A 259 -0.69 -20.28 4.85
CA THR A 259 -1.92 -19.85 5.49
C THR A 259 -1.73 -19.30 6.88
N LEU A 260 -0.69 -19.79 7.56
CA LEU A 260 -0.43 -19.48 8.94
C LEU A 260 0.45 -18.24 9.04
N LEU A 261 1.47 -18.23 8.20
CA LEU A 261 2.52 -17.27 8.27
C LEU A 261 2.11 -15.97 7.60
N ILE A 262 0.97 -15.99 6.94
CA ILE A 262 0.50 -14.81 6.26
C ILE A 262 -0.33 -13.96 7.25
N ARG A 263 -0.67 -14.50 8.43
CA ARG A 263 -1.26 -13.64 9.48
C ARG A 263 -0.20 -12.82 10.22
N ASN A 264 -0.63 -11.77 10.92
CA ASN A 264 0.32 -10.93 11.65
C ASN A 264 -0.14 -10.72 13.10
N PRO A 265 0.14 -11.70 13.97
CA PRO A 265 -0.42 -11.51 15.30
C PRO A 265 0.12 -10.25 16.04
N SER A 266 1.37 -9.86 15.77
CA SER A 266 1.97 -8.68 16.36
C SER A 266 1.14 -7.43 16.09
N ARG A 267 0.62 -7.36 14.88
CA ARG A 267 -0.14 -6.23 14.40
C ARG A 267 -1.50 -6.18 15.09
N LYS A 268 -2.15 -7.34 15.23
CA LYS A 268 -3.39 -7.36 16.00
C LYS A 268 -3.19 -6.89 17.45
N ILE A 269 -2.12 -7.30 18.09
CA ILE A 269 -1.93 -6.94 19.47
C ILE A 269 -1.77 -5.41 19.59
N LEU A 270 -0.81 -4.87 18.86
CA LEU A 270 -0.55 -3.46 18.80
C LEU A 270 -1.81 -2.62 18.51
N GLU A 271 -2.56 -2.97 17.47
CA GLU A 271 -3.75 -2.24 17.14
C GLU A 271 -4.76 -2.29 18.28
N PHE A 272 -4.81 -3.42 18.97
CA PHE A 272 -5.76 -3.58 20.02
C PHE A 272 -5.35 -2.75 21.23
N LEU A 273 -4.06 -2.70 21.51
CA LEU A 273 -3.57 -1.93 22.64
C LEU A 273 -3.79 -0.43 22.37
N TYR A 274 -3.58 0.00 21.14
CA TYR A 274 -3.79 1.40 20.79
C TYR A 274 -5.28 1.78 20.87
N SER A 275 -6.16 0.90 20.42
CA SER A 275 -7.54 1.29 20.35
C SER A 275 -8.26 1.21 21.70
N THR A 276 -7.74 0.45 22.66
CA THR A 276 -8.33 0.42 23.99
C THR A 276 -7.50 1.34 24.85
N SER A 277 -6.91 2.33 24.21
CA SER A 277 -5.95 3.18 24.84
C SER A 277 -6.21 4.66 24.55
N TYR A 278 -6.72 4.96 23.35
CA TYR A 278 -6.75 6.34 22.82
C TYR A 278 -8.11 7.03 22.77
N ASN A 279 -9.09 6.47 22.06
CA ASN A 279 -10.39 7.15 21.91
C ASN A 279 -10.35 8.43 21.05
N GLN B 15 22.10 -7.28 2.26
CA GLN B 15 23.45 -7.34 2.90
C GLN B 15 23.88 -6.01 3.54
N PRO B 16 23.81 -5.93 4.89
CA PRO B 16 24.27 -4.76 5.66
C PRO B 16 25.80 -4.64 5.67
N LEU B 17 26.34 -3.45 5.95
CA LEU B 17 27.78 -3.30 6.13
C LEU B 17 28.17 -3.80 7.50
N ASN B 18 29.11 -4.74 7.57
CA ASN B 18 29.48 -5.34 8.85
C ASN B 18 30.46 -4.48 9.66
N GLU B 19 29.96 -3.32 10.14
CA GLU B 19 30.76 -2.39 10.93
C GLU B 19 29.88 -1.57 11.86
N GLU B 20 30.49 -0.93 12.85
CA GLU B 20 29.82 0.13 13.58
C GLU B 20 29.75 1.37 12.71
N PHE B 21 28.78 2.23 12.99
CA PHE B 21 28.68 3.49 12.27
C PHE B 21 29.78 4.43 12.71
N ARG B 22 30.36 5.13 11.74
CA ARG B 22 31.24 6.24 12.05
C ARG B 22 30.98 7.35 11.06
N PRO B 23 30.89 8.60 11.56
CA PRO B 23 30.41 9.75 10.80
C PRO B 23 31.08 9.92 9.43
N GLU B 24 32.39 9.64 9.39
CA GLU B 24 33.18 9.92 8.20
C GLU B 24 32.83 9.04 7.00
N MET B 25 31.93 8.07 7.19
CA MET B 25 31.44 7.25 6.08
C MET B 25 30.70 8.12 5.09
N LEU B 26 30.09 9.18 5.60
CA LEU B 26 29.28 10.09 4.80
C LEU B 26 30.11 11.21 4.18
N GLN B 27 31.28 11.49 4.77
CA GLN B 27 32.15 12.55 4.30
C GLN B 27 32.43 12.40 2.81
N GLY B 28 32.05 13.40 2.03
CA GLY B 28 32.28 13.40 0.61
C GLY B 28 31.15 12.80 -0.24
N LYS B 29 30.29 12.01 0.40
CA LYS B 29 29.21 11.31 -0.32
C LYS B 29 28.19 12.27 -0.93
N LYS B 30 27.49 11.82 -1.96
CA LYS B 30 26.53 12.68 -2.67
C LYS B 30 25.06 12.32 -2.34
N VAL B 31 24.50 12.99 -1.33
CA VAL B 31 23.15 12.68 -0.85
C VAL B 31 22.07 13.67 -1.30
N ILE B 32 20.97 13.19 -1.89
CA ILE B 32 19.75 13.98 -2.05
C ILE B 32 18.86 13.78 -0.82
N VAL B 33 18.25 14.85 -0.29
CA VAL B 33 17.25 14.79 0.78
C VAL B 33 15.94 15.50 0.39
N THR B 34 14.85 14.75 0.20
CA THR B 34 13.60 15.38 -0.18
C THR B 34 12.78 15.78 1.04
N GLY B 35 11.77 16.64 0.81
CA GLY B 35 11.04 17.34 1.88
C GLY B 35 11.94 17.81 3.00
N ALA B 36 12.97 18.59 2.66
CA ALA B 36 14.03 18.95 3.62
C ALA B 36 13.98 20.41 4.11
N SER B 37 12.90 21.12 3.74
CA SER B 37 12.62 22.48 4.21
C SER B 37 12.29 22.59 5.70
N LYS B 38 11.77 21.50 6.28
CA LYS B 38 11.48 21.43 7.74
C LYS B 38 11.48 19.99 8.31
N GLY B 39 11.14 19.87 9.60
CA GLY B 39 11.00 18.57 10.26
C GLY B 39 12.22 17.66 10.18
N ILE B 40 11.95 16.36 10.04
CA ILE B 40 13.00 15.33 9.99
C ILE B 40 13.92 15.50 8.77
N GLY B 41 13.34 15.87 7.63
CA GLY B 41 14.11 16.17 6.42
C GLY B 41 15.21 17.19 6.69
N ARG B 42 14.82 18.29 7.33
CA ARG B 42 15.76 19.35 7.60
C ARG B 42 16.91 18.86 8.46
N GLU B 43 16.63 18.08 9.50
CA GLU B 43 17.68 17.62 10.42
C GLU B 43 18.64 16.62 9.80
N MET B 44 18.21 16.03 8.69
CA MET B 44 19.03 15.06 7.98
C MET B 44 20.03 15.82 7.13
N ALA B 45 19.53 16.84 6.42
CA ALA B 45 20.41 17.80 5.76
C ALA B 45 21.47 18.27 6.75
N TYR B 46 21.05 18.73 7.93
CA TYR B 46 22.02 19.23 8.92
C TYR B 46 23.03 18.17 9.36
N HIS B 47 22.56 16.95 9.62
CA HIS B 47 23.44 15.90 10.12
C HIS B 47 24.48 15.51 9.08
N LEU B 48 24.02 15.39 7.84
CA LEU B 48 24.89 15.06 6.71
C LEU B 48 25.91 16.16 6.48
N ALA B 49 25.52 17.39 6.83
CA ALA B 49 26.38 18.56 6.68
C ALA B 49 27.55 18.51 7.64
N LYS B 50 27.28 18.30 8.92
CA LYS B 50 28.37 18.08 9.89
C LYS B 50 29.25 16.88 9.53
N MET B 51 28.83 16.09 8.54
CA MET B 51 29.59 14.91 8.15
C MET B 51 30.53 15.20 7.00
N GLY B 52 30.20 16.22 6.24
CA GLY B 52 31.02 16.64 5.12
C GLY B 52 30.37 16.33 3.79
N ALA B 53 29.18 15.73 3.83
CA ALA B 53 28.55 15.28 2.58
C ALA B 53 28.22 16.41 1.61
N HIS B 54 28.05 16.04 0.35
CA HIS B 54 27.49 16.96 -0.63
C HIS B 54 25.98 16.78 -0.57
N VAL B 55 25.25 17.79 -0.15
CA VAL B 55 23.79 17.69 -0.11
C VAL B 55 23.11 18.49 -1.22
N VAL B 56 21.90 18.09 -1.57
CA VAL B 56 21.01 18.91 -2.39
C VAL B 56 19.62 18.64 -1.82
N VAL B 57 18.99 19.65 -1.24
CA VAL B 57 17.68 19.52 -0.64
C VAL B 57 16.58 19.98 -1.62
N THR B 58 15.34 19.63 -1.31
CA THR B 58 14.22 20.04 -2.15
C THR B 58 12.93 20.05 -1.34
N ALA B 59 11.94 20.76 -1.85
CA ALA B 59 10.67 21.00 -1.18
C ALA B 59 9.97 22.10 -1.96
N ARG B 60 8.90 22.66 -1.41
CA ARG B 60 8.23 23.75 -2.09
C ARG B 60 8.66 25.14 -1.58
N SER B 61 9.28 25.21 -0.40
CA SER B 61 9.54 26.50 0.26
C SER B 61 10.89 27.11 -0.07
N LYS B 62 10.93 27.92 -1.13
CA LYS B 62 12.13 28.64 -1.60
C LYS B 62 12.91 29.34 -0.49
N GLU B 63 12.24 30.23 0.22
CA GLU B 63 12.86 31.06 1.26
C GLU B 63 13.51 30.20 2.33
N THR B 64 12.80 29.17 2.79
CA THR B 64 13.28 28.32 3.89
C THR B 64 14.38 27.36 3.41
N LEU B 65 14.21 26.83 2.21
CA LEU B 65 15.23 26.00 1.59
C LEU B 65 16.57 26.77 1.60
N GLN B 66 16.55 27.97 1.03
CA GLN B 66 17.68 28.91 1.11
C GLN B 66 18.34 29.00 2.50
N LYS B 67 17.51 29.16 3.53
CA LYS B 67 17.95 29.33 4.91
C LYS B 67 18.72 28.12 5.41
N VAL B 68 18.23 26.94 5.02
CA VAL B 68 18.79 25.66 5.47
C VAL B 68 20.07 25.39 4.69
N VAL B 69 20.00 25.57 3.39
CA VAL B 69 21.17 25.43 2.56
C VAL B 69 22.33 26.27 3.10
N SER B 70 21.99 27.44 3.64
CA SER B 70 22.98 28.37 4.18
C SER B 70 23.58 27.89 5.51
N HIS B 71 22.76 27.26 6.34
CA HIS B 71 23.23 26.75 7.62
C HIS B 71 23.96 25.42 7.43
N CYS B 72 23.78 24.81 6.27
CA CYS B 72 24.48 23.58 5.92
C CYS B 72 25.91 23.87 5.53
N LEU B 73 26.10 25.02 4.89
CA LEU B 73 27.42 25.49 4.51
C LEU B 73 28.18 25.92 5.76
N GLU B 74 27.50 26.60 6.68
CA GLU B 74 28.11 26.95 7.96
C GLU B 74 28.53 25.71 8.77
N LEU B 75 27.90 24.57 8.50
CA LEU B 75 28.05 23.38 9.35
C LEU B 75 29.16 22.39 8.98
N GLY B 76 29.59 22.39 7.72
CA GLY B 76 30.72 21.57 7.32
C GLY B 76 30.55 20.93 5.96
N ALA B 77 29.38 21.16 5.35
CA ALA B 77 29.02 20.52 4.08
C ALA B 77 30.04 20.82 3.00
N ALA B 78 30.29 19.86 2.10
CA ALA B 78 31.17 20.10 0.95
C ALA B 78 30.42 20.79 -0.18
N SER B 79 29.10 20.62 -0.19
CA SER B 79 28.24 21.30 -1.17
C SER B 79 26.87 21.47 -0.52
N ALA B 80 26.12 22.48 -0.96
CA ALA B 80 24.75 22.71 -0.51
C ALA B 80 24.02 23.43 -1.61
N HIS B 81 23.04 22.76 -2.20
CA HIS B 81 22.18 23.34 -3.24
C HIS B 81 20.72 22.99 -2.93
N TYR B 82 19.80 23.86 -3.30
CA TYR B 82 18.40 23.56 -3.13
C TYR B 82 17.73 23.67 -4.49
N ILE B 83 16.60 23.00 -4.71
CA ILE B 83 15.86 23.15 -5.97
C ILE B 83 14.36 23.05 -5.72
N ALA B 84 13.73 24.17 -5.36
CA ALA B 84 12.31 24.17 -4.97
C ALA B 84 11.35 23.65 -6.05
N GLY B 85 10.25 23.05 -5.61
CA GLY B 85 9.21 22.53 -6.52
C GLY B 85 8.27 21.56 -5.80
N THR B 86 7.26 21.07 -6.49
CA THR B 86 6.30 20.18 -5.86
C THR B 86 6.33 18.77 -6.46
N MET B 87 6.40 17.78 -5.58
CA MET B 87 6.38 16.39 -5.99
C MET B 87 4.99 15.94 -6.41
N GLU B 88 4.05 16.88 -6.54
CA GLU B 88 2.80 16.59 -7.25
C GLU B 88 3.11 16.50 -8.72
N ASP B 89 4.27 17.06 -9.05
CA ASP B 89 4.73 17.17 -10.42
C ASP B 89 5.81 16.13 -10.75
N MET B 90 5.39 15.06 -11.43
CA MET B 90 6.30 13.96 -11.86
C MET B 90 7.43 14.41 -12.80
N THR B 91 7.12 15.37 -13.68
CA THR B 91 8.15 16.00 -14.53
C THR B 91 9.25 16.68 -13.72
N PHE B 92 8.88 17.52 -12.76
CA PHE B 92 9.86 18.17 -11.90
C PHE B 92 10.63 17.15 -11.05
N ALA B 93 9.96 16.05 -10.71
CA ALA B 93 10.59 15.00 -9.90
C ALA B 93 11.71 14.39 -10.73
N GLU B 94 11.38 14.06 -11.98
CA GLU B 94 12.33 13.50 -12.93
C GLU B 94 13.47 14.47 -13.22
N GLN B 95 13.14 15.70 -13.63
CA GLN B 95 14.17 16.76 -13.78
C GLN B 95 15.02 16.88 -12.53
N PHE B 96 14.39 16.93 -11.36
CA PHE B 96 15.13 17.25 -10.14
C PHE B 96 16.35 16.37 -9.88
N VAL B 97 16.25 15.09 -10.22
CA VAL B 97 17.32 14.14 -9.91
C VAL B 97 18.48 14.36 -10.87
N ALA B 98 18.16 14.52 -12.15
CA ALA B 98 19.12 14.97 -13.18
C ALA B 98 19.80 16.27 -12.75
N GLN B 99 19.02 17.33 -12.56
CA GLN B 99 19.55 18.61 -12.08
C GLN B 99 20.49 18.41 -10.89
N ALA B 100 20.05 17.65 -9.89
CA ALA B 100 20.89 17.42 -8.70
C ALA B 100 22.12 16.52 -8.95
N GLY B 101 22.01 15.62 -9.93
CA GLY B 101 23.10 14.74 -10.32
C GLY B 101 24.25 15.53 -10.90
N LYS B 102 23.93 16.43 -11.82
CA LYS B 102 24.91 17.38 -12.34
C LYS B 102 25.54 18.19 -11.22
N LEU B 103 24.71 18.88 -10.45
CA LEU B 103 25.20 19.71 -9.36
C LEU B 103 26.16 18.99 -8.42
N MET B 104 26.27 17.67 -8.54
CA MET B 104 27.10 16.92 -7.62
C MET B 104 28.13 16.01 -8.29
N GLY B 105 27.88 15.68 -9.56
CA GLY B 105 28.76 14.77 -10.31
C GLY B 105 28.64 13.37 -9.73
N GLY B 106 27.43 12.83 -9.80
CA GLY B 106 27.13 11.56 -9.13
C GLY B 106 26.09 11.64 -8.01
N LEU B 107 25.74 10.47 -7.47
CA LEU B 107 24.76 10.37 -6.39
C LEU B 107 25.07 9.09 -5.63
N ASP B 108 25.31 9.25 -4.34
CA ASP B 108 25.50 8.10 -3.49
C ASP B 108 24.23 7.65 -2.78
N MET B 109 23.52 8.61 -2.17
CA MET B 109 22.32 8.32 -1.39
C MET B 109 21.07 9.09 -1.81
N LEU B 110 19.97 8.37 -1.99
CA LEU B 110 18.69 9.01 -2.24
C LEU B 110 17.77 8.92 -1.00
N ILE B 111 17.65 9.99 -0.22
CA ILE B 111 16.75 9.97 0.93
C ILE B 111 15.36 10.53 0.60
N LEU B 112 14.37 9.64 0.53
CA LEU B 112 13.00 9.98 0.11
C LEU B 112 12.08 10.14 1.32
N ASN B 113 11.69 11.38 1.61
CA ASN B 113 11.12 11.69 2.93
C ASN B 113 9.82 12.54 2.91
N HIS B 114 9.63 13.33 1.87
CA HIS B 114 8.53 14.28 1.80
C HIS B 114 7.16 13.63 1.88
N ILE B 115 6.16 14.36 2.35
CA ILE B 115 4.77 13.92 2.29
C ILE B 115 3.87 15.12 1.98
N THR B 116 2.78 14.93 1.26
CA THR B 116 1.76 15.96 1.23
C THR B 116 1.20 16.19 2.64
N ASN B 117 0.40 17.24 2.81
CA ASN B 117 -0.22 17.55 4.11
C ASN B 117 -1.23 16.52 4.51
N THR B 118 -1.02 15.87 5.64
CA THR B 118 -1.94 14.79 5.94
C THR B 118 -3.20 15.26 6.65
N SER B 119 -4.30 14.69 6.21
CA SER B 119 -5.61 15.04 6.73
C SER B 119 -6.04 14.09 7.85
N LEU B 120 -5.92 14.56 9.08
CA LEU B 120 -6.35 13.84 10.26
C LEU B 120 -7.84 13.84 10.53
N ASN B 121 -8.59 12.98 9.86
CA ASN B 121 -10.03 13.02 9.98
C ASN B 121 -10.69 11.75 9.43
N LEU B 122 -11.94 11.51 9.80
CA LEU B 122 -12.70 10.43 9.22
C LEU B 122 -12.68 10.58 7.72
N PHE B 123 -12.59 9.46 6.99
CA PHE B 123 -12.67 9.51 5.54
C PHE B 123 -14.12 9.53 5.12
N HIS B 124 -14.49 10.39 4.16
CA HIS B 124 -15.88 10.38 3.68
C HIS B 124 -16.03 10.20 2.17
N ASP B 125 -15.62 11.19 1.39
CA ASP B 125 -15.71 10.99 -0.04
C ASP B 125 -14.66 11.71 -0.83
N ASP B 126 -13.58 12.10 -0.18
CA ASP B 126 -12.56 12.91 -0.87
C ASP B 126 -11.57 12.06 -1.69
N ILE B 127 -12.02 11.56 -2.84
CA ILE B 127 -11.20 10.74 -3.72
C ILE B 127 -9.98 11.49 -4.20
N HIS B 128 -10.16 12.78 -4.50
CA HIS B 128 -9.03 13.59 -4.97
C HIS B 128 -7.91 13.70 -3.94
N HIS B 129 -8.27 13.68 -2.67
CA HIS B 129 -7.22 13.73 -1.64
C HIS B 129 -6.47 12.38 -1.52
N VAL B 130 -7.22 11.29 -1.66
CA VAL B 130 -6.63 9.95 -1.74
C VAL B 130 -5.66 9.87 -2.91
N ARG B 131 -6.14 10.26 -4.11
CA ARG B 131 -5.29 10.25 -5.30
C ARG B 131 -4.02 11.05 -5.12
N LYS B 132 -4.11 12.14 -4.37
CA LYS B 132 -3.02 13.07 -4.29
C LYS B 132 -2.02 12.58 -3.29
N SER B 133 -2.54 11.97 -2.23
CA SER B 133 -1.68 11.25 -1.28
C SER B 133 -0.87 10.15 -1.99
N MET B 134 -1.56 9.35 -2.79
CA MET B 134 -0.88 8.32 -3.60
C MET B 134 0.19 8.92 -4.51
N GLU B 135 -0.17 9.97 -5.26
CA GLU B 135 0.78 10.65 -6.17
C GLU B 135 1.96 11.23 -5.44
N VAL B 136 1.71 12.00 -4.38
CA VAL B 136 2.82 12.68 -3.72
C VAL B 136 3.63 11.76 -2.82
N ASN B 137 2.92 10.95 -2.04
CA ASN B 137 3.54 10.14 -1.00
C ASN B 137 4.16 8.86 -1.57
N PHE B 138 3.57 8.34 -2.63
CA PHE B 138 4.07 7.11 -3.21
C PHE B 138 4.62 7.22 -4.65
N LEU B 139 3.78 7.58 -5.60
CA LEU B 139 4.19 7.56 -6.99
C LEU B 139 5.43 8.39 -7.23
N SER B 140 5.50 9.56 -6.62
CA SER B 140 6.63 10.43 -6.81
C SER B 140 7.93 9.80 -6.29
N TYR B 141 7.83 9.01 -5.24
CA TYR B 141 8.97 8.20 -4.76
C TYR B 141 9.47 7.19 -5.84
N VAL B 142 8.55 6.62 -6.60
CA VAL B 142 8.90 5.67 -7.62
C VAL B 142 9.66 6.40 -8.74
N VAL B 143 9.01 7.45 -9.30
CA VAL B 143 9.60 8.34 -10.32
C VAL B 143 11.01 8.81 -9.90
N LEU B 144 11.13 9.38 -8.72
CA LEU B 144 12.45 9.76 -8.23
C LEU B 144 13.47 8.61 -8.25
N THR B 145 13.00 7.39 -7.97
CA THR B 145 13.94 6.29 -7.83
C THR B 145 14.33 5.78 -9.22
N VAL B 146 13.34 5.63 -10.10
CA VAL B 146 13.57 5.32 -11.50
C VAL B 146 14.63 6.23 -12.11
N ALA B 147 14.49 7.53 -11.84
CA ALA B 147 15.36 8.54 -12.38
C ALA B 147 16.70 8.58 -11.69
N ALA B 148 16.81 8.09 -10.47
CA ALA B 148 18.12 8.17 -9.83
C ALA B 148 18.87 6.86 -9.88
N LEU B 149 18.32 5.89 -10.60
CA LEU B 149 18.87 4.54 -10.56
C LEU B 149 20.26 4.46 -11.22
N PRO B 150 20.31 4.81 -12.52
CA PRO B 150 21.56 4.74 -13.27
C PRO B 150 22.76 5.25 -12.48
N MET B 151 22.62 6.40 -11.83
CA MET B 151 23.74 6.96 -11.06
C MET B 151 23.97 6.17 -9.79
N LEU B 152 22.89 5.66 -9.22
CA LEU B 152 22.98 4.90 -7.97
C LEU B 152 23.72 3.58 -8.17
N LYS B 153 23.40 2.93 -9.29
CA LYS B 153 24.12 1.74 -9.72
C LYS B 153 25.63 1.98 -9.81
N GLN B 154 26.03 3.10 -10.41
CA GLN B 154 27.45 3.41 -10.57
C GLN B 154 28.23 3.59 -9.28
N SER B 155 27.63 4.25 -8.29
CA SER B 155 28.29 4.38 -6.99
C SER B 155 27.97 3.21 -6.07
N ASN B 156 27.15 2.27 -6.57
CA ASN B 156 26.56 1.22 -5.73
C ASN B 156 25.88 1.83 -4.52
N GLY B 157 25.02 2.81 -4.80
CA GLY B 157 24.43 3.64 -3.75
C GLY B 157 23.23 3.07 -3.01
N SER B 158 22.67 3.90 -2.13
CA SER B 158 21.56 3.54 -1.28
C SER B 158 20.33 4.43 -1.48
N ILE B 159 19.17 3.81 -1.31
CA ILE B 159 17.89 4.48 -1.31
C ILE B 159 17.27 4.36 0.07
N VAL B 160 16.98 5.49 0.70
CA VAL B 160 16.28 5.47 1.98
C VAL B 160 14.83 5.95 1.82
N VAL B 161 13.89 5.16 2.30
CA VAL B 161 12.48 5.50 2.23
C VAL B 161 11.96 5.72 3.64
N VAL B 162 11.46 6.91 3.91
CA VAL B 162 10.93 7.18 5.24
C VAL B 162 9.45 6.82 5.33
N SER B 163 9.09 6.08 6.39
CA SER B 163 7.73 5.61 6.59
C SER B 163 7.42 5.64 8.06
N SER B 164 6.34 4.96 8.47
CA SER B 164 5.61 5.27 9.68
C SER B 164 5.00 4.04 10.37
N LEU B 165 4.76 4.15 11.67
CA LEU B 165 3.94 3.16 12.36
C LEU B 165 2.75 2.82 11.50
N ALA B 166 2.15 3.86 10.93
CA ALA B 166 0.94 3.74 10.13
C ALA B 166 1.14 3.24 8.69
N GLY B 167 2.39 2.92 8.35
CA GLY B 167 2.70 2.13 7.16
C GLY B 167 3.03 0.64 7.41
N LYS B 168 2.77 0.17 8.64
CA LYS B 168 3.02 -1.21 9.10
C LYS B 168 1.78 -1.77 9.81
N VAL B 169 1.04 -0.90 10.48
CA VAL B 169 -0.23 -1.30 11.10
C VAL B 169 -1.30 -0.24 10.78
N ALA B 170 -2.56 -0.51 11.05
CA ALA B 170 -3.62 0.37 10.67
C ALA B 170 -4.09 1.24 11.87
N TYR B 171 -4.49 2.49 11.57
CA TYR B 171 -5.01 3.49 12.52
C TYR B 171 -6.23 4.19 11.90
N PRO B 172 -7.26 4.56 12.71
CA PRO B 172 -8.30 5.41 12.10
C PRO B 172 -7.83 6.86 11.88
N MET B 173 -8.44 7.57 10.94
CA MET B 173 -8.14 9.02 10.82
C MET B 173 -6.94 9.30 9.91
N VAL B 174 -6.30 8.26 9.39
CA VAL B 174 -5.20 8.48 8.46
C VAL B 174 -5.15 7.49 7.31
N ALA B 175 -6.32 7.25 6.72
CA ALA B 175 -6.50 6.19 5.74
C ALA B 175 -5.69 6.40 4.46
N ALA B 176 -5.88 7.57 3.86
CA ALA B 176 -5.12 7.92 2.67
C ALA B 176 -3.64 7.89 2.95
N TYR B 177 -3.22 8.40 4.08
CA TYR B 177 -1.77 8.39 4.38
C TYR B 177 -1.26 6.92 4.58
N SER B 178 -2.07 6.11 5.22
CA SER B 178 -1.70 4.75 5.57
C SER B 178 -1.58 3.91 4.26
N ALA B 179 -2.53 4.16 3.36
CA ALA B 179 -2.49 3.60 2.04
C ALA B 179 -1.20 3.89 1.32
N SER B 180 -0.75 5.13 1.38
CA SER B 180 0.41 5.51 0.65
C SER B 180 1.66 4.94 1.27
N LYS B 181 1.73 4.88 2.59
CA LYS B 181 2.91 4.37 3.25
C LYS B 181 2.97 2.86 3.14
N PHE B 182 1.82 2.19 3.25
CA PHE B 182 1.74 0.77 2.99
C PHE B 182 2.23 0.46 1.60
N ALA B 183 1.79 1.26 0.61
CA ALA B 183 2.24 1.07 -0.79
C ALA B 183 3.77 1.21 -0.89
N LEU B 184 4.33 2.12 -0.13
CA LEU B 184 5.78 2.19 -0.09
C LEU B 184 6.42 0.84 0.28
N ASP B 185 5.83 0.15 1.23
CA ASP B 185 6.39 -1.06 1.74
C ASP B 185 6.36 -2.14 0.64
N GLY B 186 5.17 -2.41 0.10
CA GLY B 186 5.03 -3.37 -0.98
C GLY B 186 5.99 -3.11 -2.12
N PHE B 187 5.91 -1.92 -2.71
CA PHE B 187 6.71 -1.61 -3.88
C PHE B 187 8.20 -1.77 -3.57
N PHE B 188 8.70 -1.07 -2.57
CA PHE B 188 10.14 -1.11 -2.36
C PHE B 188 10.66 -2.41 -1.77
N SER B 189 9.81 -3.14 -1.06
CA SER B 189 10.23 -4.46 -0.56
C SER B 189 10.29 -5.45 -1.74
N SER B 190 9.36 -5.31 -2.68
CA SER B 190 9.33 -6.16 -3.87
C SER B 190 10.57 -5.93 -4.76
N ILE B 191 10.95 -4.67 -4.96
CA ILE B 191 12.05 -4.43 -5.85
C ILE B 191 13.37 -4.70 -5.13
N ARG B 192 13.34 -4.68 -3.81
CA ARG B 192 14.55 -5.08 -3.08
C ARG B 192 14.91 -6.55 -3.39
N LYS B 193 13.90 -7.42 -3.43
CA LYS B 193 14.10 -8.80 -3.75
C LYS B 193 14.48 -8.98 -5.23
N GLU B 194 14.01 -8.09 -6.09
CA GLU B 194 14.34 -8.12 -7.50
C GLU B 194 15.78 -7.69 -7.73
N TYR B 195 16.26 -6.70 -6.98
CA TYR B 195 17.64 -6.24 -7.12
C TYR B 195 18.66 -7.24 -6.64
N SER B 196 18.27 -8.07 -5.67
CA SER B 196 19.18 -9.07 -5.15
C SER B 196 19.40 -10.14 -6.22
N VAL B 197 18.33 -10.68 -6.78
CA VAL B 197 18.43 -11.77 -7.75
C VAL B 197 19.02 -11.34 -9.11
N SER B 198 18.86 -10.08 -9.47
CA SER B 198 19.41 -9.58 -10.71
C SER B 198 20.70 -8.83 -10.37
N ARG B 199 21.15 -9.05 -9.14
CA ARG B 199 22.45 -8.65 -8.60
C ARG B 199 22.71 -7.16 -8.66
N VAL B 200 21.64 -6.38 -8.70
CA VAL B 200 21.75 -4.92 -8.59
C VAL B 200 22.26 -4.51 -7.19
N ASN B 201 23.42 -3.86 -7.13
CA ASN B 201 24.05 -3.56 -5.86
C ASN B 201 23.64 -2.18 -5.33
N VAL B 202 22.33 -1.96 -5.27
CA VAL B 202 21.78 -0.74 -4.69
C VAL B 202 20.93 -1.04 -3.46
N SER B 203 21.38 -0.64 -2.28
CA SER B 203 20.67 -1.02 -1.07
C SER B 203 19.36 -0.22 -0.90
N ILE B 204 18.41 -0.80 -0.18
CA ILE B 204 17.13 -0.16 0.11
C ILE B 204 16.78 -0.23 1.60
N THR B 205 16.57 0.94 2.21
CA THR B 205 16.19 1.00 3.61
C THR B 205 14.80 1.61 3.82
N LEU B 206 13.92 0.87 4.48
CA LEU B 206 12.61 1.39 4.86
C LEU B 206 12.69 1.76 6.32
N CYS B 207 12.29 2.99 6.65
CA CYS B 207 12.31 3.43 8.03
C CYS B 207 10.90 3.47 8.59
N VAL B 208 10.75 3.05 9.83
CA VAL B 208 9.43 3.02 10.42
C VAL B 208 9.51 3.88 11.66
N LEU B 209 8.85 5.04 11.63
CA LEU B 209 8.99 6.01 12.72
C LEU B 209 7.73 6.11 13.57
N GLY B 210 7.90 6.13 14.88
CA GLY B 210 6.81 6.50 15.80
C GLY B 210 6.69 8.03 15.84
N LEU B 211 6.02 8.57 16.87
CA LEU B 211 5.89 10.03 17.04
C LEU B 211 7.23 10.71 17.17
N ILE B 212 7.55 11.57 16.20
CA ILE B 212 8.76 12.41 16.26
C ILE B 212 8.32 13.86 16.46
N ASP B 213 9.03 14.62 17.28
CA ASP B 213 8.59 15.96 17.67
C ASP B 213 8.84 17.08 16.61
N THR B 214 8.31 16.89 15.42
CA THR B 214 8.41 17.90 14.41
C THR B 214 7.24 18.83 14.69
N GLU B 215 7.32 20.05 14.18
CA GLU B 215 6.26 21.01 14.40
C GLU B 215 4.98 20.44 13.83
N THR B 216 5.08 19.87 12.63
CA THR B 216 3.94 19.22 11.99
C THR B 216 3.28 18.22 12.95
N ALA B 217 4.09 17.37 13.55
CA ALA B 217 3.54 16.33 14.41
C ALA B 217 2.87 16.97 15.61
N MET B 218 3.60 17.85 16.28
CA MET B 218 3.07 18.47 17.49
C MET B 218 1.79 19.28 17.26
N LYS B 219 1.72 19.96 16.13
CA LYS B 219 0.48 20.59 15.71
C LYS B 219 -0.62 19.53 15.66
N ALA B 220 -0.29 18.37 15.09
CA ALA B 220 -1.26 17.32 14.86
C ALA B 220 -1.76 16.61 16.14
N VAL B 221 -0.86 16.37 17.09
CA VAL B 221 -1.22 15.68 18.30
C VAL B 221 -1.47 16.60 19.51
N SER B 222 -1.59 17.90 19.26
CA SER B 222 -1.74 18.88 20.33
C SER B 222 -2.87 18.55 21.33
N GLY B 223 -4.08 18.33 20.83
CA GLY B 223 -5.23 17.94 21.67
C GLY B 223 -4.99 16.77 22.63
N ILE B 224 -4.96 15.55 22.07
CA ILE B 224 -4.77 14.33 22.88
C ILE B 224 -3.38 14.22 23.51
N VAL B 225 -3.27 13.47 24.61
CA VAL B 225 -1.98 13.25 25.27
C VAL B 225 -1.44 11.85 24.95
N HIS B 226 -0.27 11.79 24.31
CA HIS B 226 0.32 10.51 23.95
C HIS B 226 1.55 10.22 24.77
N MET B 227 2.31 9.23 24.31
CA MET B 227 3.63 8.95 24.86
C MET B 227 4.60 10.05 24.39
N GLN B 228 5.66 10.25 25.15
CA GLN B 228 6.67 11.20 24.76
C GLN B 228 7.00 11.10 23.26
N ALA B 229 7.06 12.26 22.60
CA ALA B 229 7.55 12.34 21.23
C ALA B 229 9.07 12.29 21.29
N ALA B 230 9.71 11.84 20.21
CA ALA B 230 11.16 11.64 20.22
C ALA B 230 11.84 12.76 19.48
N PRO B 231 13.08 13.09 19.88
CA PRO B 231 13.89 14.15 19.29
C PRO B 231 14.15 13.92 17.81
N LYS B 232 13.68 14.84 17.00
CA LYS B 232 13.88 14.83 15.56
C LYS B 232 15.34 14.77 15.11
N GLU B 233 16.26 15.19 15.97
CA GLU B 233 17.68 15.18 15.62
C GLU B 233 18.26 13.78 15.74
N GLU B 234 17.89 13.07 16.81
CA GLU B 234 18.26 11.68 16.95
C GLU B 234 17.60 10.86 15.83
N CYS B 235 16.29 11.05 15.63
CA CYS B 235 15.54 10.33 14.61
C CYS B 235 16.18 10.43 13.24
N ALA B 236 16.63 11.64 12.92
CA ALA B 236 17.24 11.90 11.62
C ALA B 236 18.59 11.19 11.46
N LEU B 237 19.36 11.12 12.53
CA LEU B 237 20.67 10.49 12.49
C LEU B 237 20.51 8.97 12.30
N GLU B 238 19.57 8.37 13.03
CA GLU B 238 19.29 6.93 12.93
C GLU B 238 18.87 6.55 11.52
N ILE B 239 18.10 7.40 10.85
CA ILE B 239 17.77 7.19 9.45
C ILE B 239 19.03 7.14 8.60
N ILE B 240 19.94 8.08 8.81
CA ILE B 240 21.18 8.14 8.02
C ILE B 240 22.07 6.92 8.32
N LYS B 241 22.22 6.60 9.60
CA LYS B 241 22.97 5.43 10.02
C LYS B 241 22.50 4.17 9.29
N GLY B 242 21.25 3.80 9.52
CA GLY B 242 20.70 2.62 8.88
C GLY B 242 20.91 2.64 7.37
N GLY B 243 20.75 3.81 6.77
CA GLY B 243 20.96 3.93 5.33
C GLY B 243 22.42 3.65 4.98
N ALA B 244 23.33 4.19 5.78
CA ALA B 244 24.76 4.05 5.51
C ALA B 244 25.16 2.58 5.61
N LEU B 245 24.74 1.93 6.68
CA LEU B 245 25.03 0.55 6.91
C LEU B 245 24.23 -0.37 6.00
N ARG B 246 23.43 0.22 5.12
CA ARG B 246 22.68 -0.57 4.16
C ARG B 246 21.73 -1.57 4.84
N GLN B 247 21.24 -1.24 6.03
CA GLN B 247 20.23 -2.06 6.70
C GLN B 247 18.92 -2.11 5.90
N GLU B 248 18.12 -3.13 6.09
CA GLU B 248 16.92 -3.23 5.30
C GLU B 248 15.81 -2.34 5.86
N GLU B 249 15.83 -2.20 7.18
CA GLU B 249 14.78 -1.52 7.90
C GLU B 249 15.36 -0.82 9.11
N VAL B 250 14.87 0.38 9.39
CA VAL B 250 15.22 1.12 10.61
C VAL B 250 13.92 1.34 11.32
N TYR B 251 13.87 1.01 12.61
CA TYR B 251 12.70 1.28 13.44
C TYR B 251 13.10 2.30 14.50
N TYR B 252 12.39 3.42 14.56
CA TYR B 252 12.71 4.45 15.54
C TYR B 252 11.50 5.04 16.23
N ASP B 253 11.50 4.94 17.55
CA ASP B 253 10.44 5.45 18.40
C ASP B 253 11.13 5.79 19.71
N SER B 254 10.52 6.65 20.53
CA SER B 254 11.13 6.98 21.83
C SER B 254 11.06 5.76 22.76
N SER B 255 10.23 4.79 22.40
CA SER B 255 10.19 3.55 23.15
C SER B 255 10.70 2.32 22.38
N LEU B 256 11.58 1.55 23.01
CA LEU B 256 12.04 0.27 22.46
C LEU B 256 10.90 -0.77 22.42
N TRP B 257 9.93 -0.62 23.31
CA TRP B 257 8.73 -1.47 23.30
C TRP B 257 7.93 -1.38 22.03
N THR B 258 7.96 -0.20 21.40
CA THR B 258 7.19 0.01 20.22
C THR B 258 7.85 -0.76 19.09
N THR B 259 9.17 -0.69 19.03
CA THR B 259 9.90 -1.36 17.96
C THR B 259 9.93 -2.90 18.16
N LEU B 260 9.76 -3.35 19.40
CA LEU B 260 9.66 -4.77 19.68
C LEU B 260 8.30 -5.27 19.24
N LEU B 261 7.25 -4.51 19.56
CA LEU B 261 5.91 -4.95 19.24
C LEU B 261 5.61 -4.87 17.77
N ILE B 262 6.32 -4.04 17.03
CA ILE B 262 5.98 -3.82 15.61
C ILE B 262 6.63 -4.84 14.63
N ARG B 263 7.72 -5.50 15.04
CA ARG B 263 8.30 -6.61 14.29
C ARG B 263 7.31 -7.73 13.96
N ASN B 264 7.38 -8.21 12.72
CA ASN B 264 6.60 -9.32 12.23
C ASN B 264 7.51 -10.49 11.77
N PRO B 265 7.89 -11.39 12.70
CA PRO B 265 8.70 -12.56 12.34
C PRO B 265 8.02 -13.48 11.32
N SER B 266 6.70 -13.62 11.37
CA SER B 266 6.04 -14.42 10.38
C SER B 266 6.44 -14.01 8.96
N ARG B 267 6.33 -12.72 8.65
CA ARG B 267 6.61 -12.24 7.32
C ARG B 267 8.05 -12.54 6.89
N LYS B 268 8.97 -12.29 7.81
CA LYS B 268 10.35 -12.59 7.54
C LYS B 268 10.60 -14.08 7.18
N ILE B 269 10.02 -14.98 7.97
CA ILE B 269 10.10 -16.43 7.74
C ILE B 269 9.44 -16.84 6.42
N LEU B 270 8.28 -16.26 6.13
CA LEU B 270 7.58 -16.61 4.90
C LEU B 270 8.35 -16.22 3.65
N GLU B 271 9.10 -15.12 3.70
CA GLU B 271 9.81 -14.63 2.54
C GLU B 271 11.10 -15.42 2.38
N PHE B 272 11.62 -15.90 3.50
CA PHE B 272 12.79 -16.78 3.49
C PHE B 272 12.43 -18.09 2.81
N LEU B 273 11.30 -18.64 3.22
CA LEU B 273 10.77 -19.83 2.57
C LEU B 273 10.57 -19.64 1.09
N TYR B 274 9.90 -18.57 0.66
CA TYR B 274 9.65 -18.42 -0.78
CA TYR B 274 9.65 -18.43 -0.78
C TYR B 274 10.94 -18.33 -1.58
N SER B 275 12.02 -17.82 -0.99
CA SER B 275 13.19 -17.65 -1.82
C SER B 275 14.23 -18.81 -1.73
N THR B 276 14.00 -19.77 -0.84
CA THR B 276 14.71 -21.06 -0.81
C THR B 276 13.92 -22.01 -1.71
N SER B 277 13.94 -21.79 -3.02
CA SER B 277 12.87 -22.31 -3.84
C SER B 277 13.03 -21.96 -5.32
PA NAP C . -8.71 -12.85 -13.86
O1A NAP C . -9.22 -14.24 -13.99
O2A NAP C . -7.65 -12.40 -14.78
O5B NAP C . -10.02 -11.92 -13.86
C5B NAP C . -9.87 -10.50 -13.92
C4B NAP C . -11.25 -9.86 -14.14
O4B NAP C . -11.07 -8.47 -14.12
C3B NAP C . -11.84 -10.17 -15.51
O3B NAP C . -13.24 -10.33 -15.41
C2B NAP C . -11.54 -8.94 -16.34
O2B NAP C . -12.48 -8.73 -17.39
C1B NAP C . -11.54 -7.85 -15.29
N9A NAP C . -10.73 -6.68 -15.68
C8A NAP C . -9.45 -6.64 -16.17
N7A NAP C . -9.13 -5.33 -16.40
C5A NAP C . -10.19 -4.55 -16.05
C6A NAP C . -10.42 -3.17 -16.08
N6A NAP C . -9.48 -2.30 -16.50
N1A NAP C . -11.64 -2.70 -15.65
C2A NAP C . -12.64 -3.56 -15.22
N3A NAP C . -12.40 -4.92 -15.18
C4A NAP C . -11.20 -5.39 -15.60
O3 NAP C . -8.04 -12.71 -12.40
PN NAP C . -8.11 -13.65 -11.11
O1N NAP C . -9.41 -14.34 -10.96
O2N NAP C . -6.82 -14.34 -11.12
O5D NAP C . -8.03 -12.51 -9.95
C5D NAP C . -9.14 -12.11 -9.17
C4D NAP C . -8.65 -11.45 -7.87
O4D NAP C . -7.96 -12.42 -7.09
C3D NAP C . -7.67 -10.29 -8.11
O3D NAP C . -7.90 -9.18 -7.26
C2D NAP C . -6.34 -10.87 -7.75
O2D NAP C . -5.40 -9.90 -7.33
C1D NAP C . -6.75 -11.84 -6.66
N1N NAP C . -5.71 -12.84 -6.61
C2N NAP C . -5.64 -13.80 -7.58
C3N NAP C . -4.61 -14.73 -7.49
C7N NAP C . -4.45 -15.83 -8.50
O7N NAP C . -3.23 -16.51 -8.47
N7N NAP C . -5.42 -16.16 -9.38
C4N NAP C . -3.69 -14.65 -6.45
C5N NAP C . -3.77 -13.65 -5.47
C6N NAP C . -4.81 -12.73 -5.58
P2B NAP C . -12.05 -7.90 -18.73
O1X NAP C . -13.04 -8.31 -19.78
O2X NAP C . -12.13 -6.42 -18.51
O3X NAP C . -10.62 -8.16 -19.11
O3 3CZ D . 9.71 -14.87 -9.38
N2 3CZ D . 8.73 -15.54 -9.76
O4 3CZ D . 8.73 -16.33 -10.70
C5 3CZ D . 7.49 -15.42 -9.03
C12 3CZ D . 6.44 -16.33 -9.27
C14 3CZ D . 5.28 -16.17 -8.55
C13 3CZ D . 7.38 -14.40 -8.10
C15 3CZ D . 6.21 -14.25 -7.40
C6 3CZ D . 5.13 -15.13 -7.61
N3 3CZ D . 3.97 -14.98 -6.85
C4 3CZ D . 2.86 -15.90 -7.08
C1 3CZ D . 2.12 -16.15 -5.75
C22 3CZ D . 2.93 -17.00 -4.77
C7 3CZ D . 3.60 -13.67 -6.29
C2 3CZ D . 2.85 -13.87 -4.98
N1 3CZ D . 1.76 -14.83 -5.14
S1 3CZ D . 0.21 -14.27 -5.27
O1 3CZ D . 0.27 -13.04 -4.49
O2 3CZ D . -0.74 -15.37 -5.03
C3 3CZ D . 0.03 -13.77 -6.99
C10 3CZ D . -0.61 -14.62 -7.93
C17 3CZ D . -0.71 -14.20 -9.26
C11 3CZ D . 0.54 -12.53 -7.40
C16 3CZ D . 0.43 -12.13 -8.74
C9 3CZ D . -0.20 -12.95 -9.69
C8 3CZ D . -0.28 -12.49 -11.16
C21 3CZ D . -1.06 -11.16 -11.36
C20 3CZ D . 1.18 -12.29 -11.63
C19 3CZ D . -0.92 -13.57 -12.05
PA NAP E . 7.05 17.74 7.92
O1A NAP E . 7.76 18.40 9.06
O2A NAP E . 5.63 18.05 7.76
O5B NAP E . 7.82 17.95 6.52
C5B NAP E . 7.32 17.34 5.33
C4B NAP E . 8.20 17.87 4.20
O4B NAP E . 7.65 17.59 2.92
C3B NAP E . 8.25 19.38 4.30
O3B NAP E . 9.57 19.85 4.09
C2B NAP E . 7.41 19.86 3.14
O2B NAP E . 8.05 20.96 2.58
C1B NAP E . 7.58 18.77 2.12
N9A NAP E . 6.44 18.79 1.21
C8A NAP E . 5.12 18.88 1.52
N7A NAP E . 4.42 18.83 0.35
C5A NAP E . 5.28 18.73 -0.68
C6A NAP E . 5.13 18.65 -2.06
N6A NAP E . 3.92 18.68 -2.64
N1A NAP E . 6.26 18.55 -2.83
C2A NAP E . 7.53 18.52 -2.29
N3A NAP E . 7.67 18.60 -0.94
C4A NAP E . 6.57 18.70 -0.15
O3 NAP E . 7.11 16.14 8.19
PN NAP E . 7.92 15.27 9.25
O1N NAP E . 9.35 15.65 9.34
O2N NAP E . 7.11 15.16 10.49
O5D NAP E . 7.88 13.84 8.50
C5D NAP E . 8.84 13.45 7.53
C4D NAP E . 8.65 11.96 7.21
O4D NAP E . 8.60 11.24 8.43
C3D NAP E . 7.32 11.72 6.49
O3D NAP E . 7.51 10.84 5.42
C2D NAP E . 6.48 11.06 7.55
O2D NAP E . 5.60 10.14 6.96
C1D NAP E . 7.49 10.38 8.44
N1N NAP E . 6.87 10.24 9.77
C2N NAP E . 6.92 11.26 10.70
C3N NAP E . 6.28 11.07 11.94
C7N NAP E . 6.33 12.15 12.98
O7N NAP E . 5.69 11.92 14.20
N7N NAP E . 6.95 13.29 12.73
C4N NAP E . 5.59 9.88 12.24
C5N NAP E . 5.54 8.88 11.27
C6N NAP E . 6.18 9.07 10.04
P2B NAP E . 7.24 22.15 1.87
O1X NAP E . 8.26 23.22 2.15
O2X NAP E . 6.99 21.85 0.43
O3X NAP E . 5.89 22.46 2.50
C1 CPS F . 2.04 13.84 11.85
C2 CPS F . 1.15 12.64 11.54
C3 CPS F . 1.66 11.77 13.96
C4 CPS F . 1.91 10.54 14.89
C5 CPS F . 0.88 9.43 14.65
C6 CPS F . 0.89 9.06 13.17
C7 CPS F . -0.03 7.84 13.09
C8 CPS F . 0.29 7.09 14.36
C9 CPS F . 1.08 8.04 15.27
C10 CPS F . -0.50 10.01 15.07
C11 CPS F . -0.28 13.13 11.71
C12 CPS F . 3.49 13.62 11.47
C13 CPS F . 3.59 13.38 9.97
C14 CPS F . 2.80 12.11 9.64
C15 CPS F . 1.33 12.22 10.07
C16 CPS F . 0.57 10.93 9.75
C17 CPS F . 0.85 9.79 10.75
C18 CPS F . 0.63 10.21 12.21
C19 CPS F . 1.51 11.44 12.47
C20 CPS F . 0.69 7.79 16.74
C21 CPS F . 1.32 8.83 17.66
C22 CPS F . 1.05 6.36 17.18
C23 CPS F . 0.97 6.03 18.68
C24 CPS F . 0.81 4.53 18.97
C25 CPS F . -0.18 3.43 20.93
C26 CPS F . 0.24 2.40 21.98
C27 CPS F . 1.52 1.67 21.55
C28 CPS F . 1.54 -0.37 22.82
C29 CPS F . 3.62 0.87 22.39
C30 CPS F . 2.00 1.77 23.90
C31 CPS F . 1.34 1.05 25.08
C32 CPS F . 2.38 0.50 26.06
N1 CPS F . 0.92 4.10 20.24
N2 CPS F . 2.17 0.96 22.68
O1 CPS F . 0.59 3.72 18.08
O2 CPS F . 4.98 13.29 9.63
O3 CPS F . 2.22 9.37 10.63
O4 CPS F . 3.26 10.11 14.70
O2S CPS F . 2.80 2.99 26.17
O3S CPS F . 3.88 1.57 27.83
O1S CPS F . 4.68 1.56 25.53
S CPS F . 3.48 1.68 26.40
#